data_7HOO
#
_entry.id   7HOO
#
_cell.length_a   42.454
_cell.length_b   42.454
_cell.length_c   216.494
_cell.angle_alpha   90.00
_cell.angle_beta   90.00
_cell.angle_gamma   90.00
#
_symmetry.space_group_name_H-M   'P 43 2 2'
#
loop_
_entity.id
_entity.type
_entity.pdbx_description
1 polymer 'Serine protease subunit NS2B'
2 polymer 'Serine protease NS3'
3 non-polymer 'DIMETHYL SULFOXIDE'
4 non-polymer (2P)-2-(5-methoxypyridin-3-yl)-N-(1-methyl-1H-pyrazol-4-yl)benzamide
5 non-polymer 'SULFATE ION'
6 water water
#
loop_
_entity_poly.entity_id
_entity_poly.type
_entity_poly.pdbx_seq_one_letter_code
_entity_poly.pdbx_strand_id
1 'polypeptide(L)' SMGKSVDMYIERAGDITWEKDAEVTGNSPRLDVALDESGDFSLVEE A
2 'polypeptide(L)'
;MKEVKKGETTDGVYRVMTRRLLGSTQVGVGVMQEGVFHTMWHVTKGAALRSGEGRLDPYWGDVKQDLVSYCGPWKLDAAW
DGLSEVQLLAVPPGERAKNIQTLPGIFKTKDGDIGAVALDYPAGTSGSPILDKCGRVIGLYGNGVVIKNGSYVSAITQGK
REEETPVE
;
B
#
loop_
_chem_comp.id
_chem_comp.type
_chem_comp.name
_chem_comp.formula
A1BGX non-polymer (2P)-2-(5-methoxypyridin-3-yl)-N-(1-methyl-1H-pyrazol-4-yl)benzamide 'C17 H16 N4 O2'
DMS non-polymer 'DIMETHYL SULFOXIDE' 'C2 H6 O S'
SO4 non-polymer 'SULFATE ION' 'O4 S -2'
#
# COMPACT_ATOMS: atom_id res chain seq x y z
N ASP A 7 -9.65 7.23 -17.65
CA ASP A 7 -10.50 7.54 -16.51
C ASP A 7 -10.44 6.42 -15.47
N MET A 8 -10.23 6.79 -14.20
CA MET A 8 -10.08 5.79 -13.16
C MET A 8 -11.28 5.62 -12.26
N TYR A 9 -11.54 4.36 -11.89
CA TYR A 9 -12.65 4.01 -11.01
C TYR A 9 -12.24 3.01 -9.94
N ILE A 10 -12.99 2.97 -8.83
CA ILE A 10 -12.70 2.05 -7.74
C ILE A 10 -13.80 0.96 -7.58
N GLU A 11 -13.40 -0.23 -7.10
CA GLU A 11 -14.31 -1.38 -6.89
C GLU A 11 -13.96 -1.99 -5.55
N ARG A 12 -14.96 -2.31 -4.70
CA ARG A 12 -14.62 -2.91 -3.40
C ARG A 12 -13.99 -4.29 -3.59
N ALA A 13 -12.96 -4.62 -2.78
CA ALA A 13 -12.29 -5.91 -2.86
C ALA A 13 -12.31 -6.72 -1.54
N GLY A 14 -12.67 -6.09 -0.43
CA GLY A 14 -12.78 -6.80 0.83
C GLY A 14 -12.72 -5.93 2.06
N ASP A 15 -12.81 -6.59 3.24
CA ASP A 15 -12.69 -5.98 4.56
C ASP A 15 -11.22 -6.01 4.95
N ILE A 16 -10.80 -5.05 5.76
CA ILE A 16 -9.43 -5.04 6.26
C ILE A 16 -9.45 -5.70 7.63
N THR A 17 -9.04 -6.98 7.68
N THR A 17 -9.00 -6.97 7.68
N THR A 17 -9.04 -6.98 7.68
N THR A 17 -9.01 -6.97 7.68
CA THR A 17 -8.96 -7.78 8.91
CA THR A 17 -9.01 -7.77 8.90
CA THR A 17 -8.96 -7.78 8.91
CA THR A 17 -9.01 -7.75 8.92
C THR A 17 -7.71 -8.63 8.94
C THR A 17 -7.79 -8.70 8.95
C THR A 17 -7.71 -8.63 8.94
C THR A 17 -7.80 -8.71 8.95
N TRP A 18 -7.23 -8.95 10.14
CA TRP A 18 -6.08 -9.85 10.29
C TRP A 18 -6.68 -11.28 10.18
N GLU A 19 -6.05 -12.17 9.42
N GLU A 19 -6.05 -12.17 9.42
N GLU A 19 -6.04 -12.18 9.41
N GLU A 19 -6.04 -12.18 9.41
CA GLU A 19 -6.55 -13.53 9.27
CA GLU A 19 -6.56 -13.53 9.27
CA GLU A 19 -6.52 -13.54 9.25
CA GLU A 19 -6.52 -13.54 9.25
C GLU A 19 -5.66 -14.53 9.99
C GLU A 19 -5.67 -14.54 9.98
C GLU A 19 -5.63 -14.51 10.02
C GLU A 19 -5.63 -14.51 10.02
N LYS A 20 -6.23 -15.29 10.93
CA LYS A 20 -5.47 -16.28 11.70
C LYS A 20 -5.18 -17.45 10.76
N ASP A 21 -3.95 -17.95 10.81
CA ASP A 21 -3.53 -19.05 9.94
C ASP A 21 -3.46 -18.64 8.47
N ALA A 22 -2.98 -17.42 8.22
CA ALA A 22 -2.73 -16.97 6.86
C ALA A 22 -1.40 -17.61 6.40
N GLU A 23 -1.15 -17.67 5.09
CA GLU A 23 0.11 -18.20 4.57
C GLU A 23 1.28 -17.32 5.06
N VAL A 24 2.30 -17.91 5.69
CA VAL A 24 3.43 -17.14 6.21
C VAL A 24 4.63 -17.30 5.28
N THR A 25 5.09 -16.20 4.62
CA THR A 25 6.22 -16.27 3.70
C THR A 25 7.02 -14.93 3.65
N GLY A 26 8.10 -14.86 2.88
CA GLY A 26 8.91 -13.67 2.77
C GLY A 26 10.01 -13.60 3.79
N ASN A 27 11.15 -13.02 3.41
CA ASN A 27 12.27 -12.85 4.33
C ASN A 27 12.26 -11.40 4.94
N SER A 28 13.26 -11.04 5.79
CA SER A 28 13.32 -9.74 6.48
C SER A 28 14.69 -9.05 6.23
N PRO A 29 14.96 -8.59 5.00
CA PRO A 29 16.28 -8.01 4.72
C PRO A 29 16.52 -6.62 5.29
N ARG A 30 17.75 -6.37 5.75
CA ARG A 30 18.15 -5.05 6.26
C ARG A 30 18.98 -4.41 5.15
N LEU A 31 18.45 -3.36 4.51
CA LEU A 31 19.08 -2.73 3.36
C LEU A 31 19.34 -1.24 3.54
N ASP A 32 20.53 -0.76 3.14
CA ASP A 32 20.83 0.68 3.19
C ASP A 32 20.23 1.31 1.93
N VAL A 33 19.26 2.22 2.09
CA VAL A 33 18.59 2.83 0.95
C VAL A 33 18.62 4.37 0.98
N ALA A 34 18.39 4.98 -0.19
CA ALA A 34 18.32 6.42 -0.36
C ALA A 34 16.98 6.73 -1.02
N LEU A 35 16.38 7.86 -0.67
CA LEU A 35 15.09 8.25 -1.21
C LEU A 35 15.28 9.61 -1.91
N ASP A 36 15.01 9.66 -3.22
CA ASP A 36 15.24 10.89 -3.96
C ASP A 36 13.98 11.80 -3.97
N GLU A 37 14.13 13.03 -4.47
CA GLU A 37 13.04 13.98 -4.53
C GLU A 37 11.82 13.45 -5.32
N SER A 38 12.04 12.56 -6.31
CA SER A 38 10.94 11.97 -7.08
C SER A 38 10.21 10.80 -6.38
N GLY A 39 10.58 10.50 -5.13
CA GLY A 39 9.93 9.40 -4.40
C GLY A 39 10.40 8.01 -4.80
N ASP A 40 11.57 7.91 -5.44
CA ASP A 40 12.15 6.64 -5.84
C ASP A 40 13.25 6.22 -4.87
N PHE A 41 13.13 4.99 -4.39
CA PHE A 41 14.13 4.38 -3.52
C PHE A 41 15.24 3.77 -4.36
N SER A 42 16.46 3.82 -3.84
CA SER A 42 17.60 3.20 -4.52
C SER A 42 18.53 2.57 -3.48
N LEU A 43 19.23 1.49 -3.86
CA LEU A 43 20.17 0.84 -2.92
C LEU A 43 21.46 1.62 -2.82
N VAL A 44 21.95 1.81 -1.59
CA VAL A 44 23.23 2.46 -1.36
C VAL A 44 24.22 1.34 -1.03
N GLU A 45 25.35 1.27 -1.75
CA GLU A 45 26.33 0.22 -1.48
C GLU A 45 27.73 0.77 -1.19
N GLY B 7 -21.30 7.34 -4.44
CA GLY B 7 -20.88 5.96 -4.66
C GLY B 7 -20.67 5.16 -3.38
N GLU B 8 -19.77 4.16 -3.40
CA GLU B 8 -19.51 3.35 -2.22
C GLU B 8 -18.48 3.99 -1.30
N THR B 9 -18.86 4.24 -0.03
N THR B 9 -18.86 4.25 -0.04
N THR B 9 -18.86 4.24 -0.03
N THR B 9 -18.86 4.25 -0.04
CA THR B 9 -17.95 4.84 0.94
CA THR B 9 -17.95 4.83 0.94
CA THR B 9 -17.95 4.84 0.94
CA THR B 9 -17.95 4.83 0.94
C THR B 9 -17.71 3.94 2.17
C THR B 9 -17.68 3.94 2.16
C THR B 9 -17.71 3.94 2.17
C THR B 9 -17.68 3.94 2.16
N THR B 10 -18.10 2.67 2.10
CA THR B 10 -17.90 1.72 3.19
C THR B 10 -16.42 1.46 3.36
N ASP B 11 -15.95 1.35 4.61
N ASP B 11 -15.95 1.35 4.61
N ASP B 11 -15.95 1.35 4.61
N ASP B 11 -15.95 1.35 4.61
CA ASP B 11 -14.56 1.04 4.93
CA ASP B 11 -14.56 1.04 4.93
CA ASP B 11 -14.55 1.04 4.93
CA ASP B 11 -14.55 1.04 4.93
C ASP B 11 -14.13 -0.28 4.27
C ASP B 11 -14.13 -0.28 4.27
C ASP B 11 -14.13 -0.28 4.26
C ASP B 11 -14.13 -0.28 4.26
N GLY B 12 -12.88 -0.36 3.83
CA GLY B 12 -12.37 -1.56 3.20
C GLY B 12 -11.27 -1.29 2.19
N VAL B 13 -10.82 -2.38 1.52
CA VAL B 13 -9.80 -2.31 0.49
C VAL B 13 -10.48 -2.31 -0.88
N TYR B 14 -9.97 -1.50 -1.80
CA TYR B 14 -10.57 -1.33 -3.12
C TYR B 14 -9.54 -1.45 -4.24
N ARG B 15 -9.99 -1.89 -5.42
CA ARG B 15 -9.13 -1.93 -6.59
C ARG B 15 -9.25 -0.58 -7.31
N VAL B 16 -8.16 -0.13 -7.93
CA VAL B 16 -8.11 1.08 -8.74
C VAL B 16 -7.96 0.65 -10.17
N MET B 17 -8.98 0.85 -10.97
CA MET B 17 -9.05 0.39 -12.34
C MET B 17 -9.02 1.53 -13.36
N THR B 18 -8.67 1.21 -14.61
CA THR B 18 -8.70 2.16 -15.71
C THR B 18 -9.25 1.48 -16.98
N ARG B 19 -10.03 2.21 -17.79
CA ARG B 19 -10.52 1.70 -19.07
C ARG B 19 -9.83 2.36 -20.30
N ARG B 20 -8.76 3.14 -20.07
CA ARG B 20 -7.99 3.85 -21.09
C ARG B 20 -7.20 2.86 -21.95
N LEU B 21 -6.62 1.84 -21.32
CA LEU B 21 -5.82 0.80 -21.99
C LEU B 21 -6.74 -0.35 -22.52
N LEU B 22 -6.17 -1.52 -22.90
CA LEU B 22 -6.96 -2.66 -23.41
C LEU B 22 -7.84 -3.20 -22.27
N GLY B 23 -9.13 -3.41 -22.53
CA GLY B 23 -10.08 -3.87 -21.52
C GLY B 23 -10.08 -3.04 -20.25
N SER B 24 -10.35 -3.68 -19.10
CA SER B 24 -10.31 -3.00 -17.80
C SER B 24 -9.02 -3.45 -17.15
N THR B 25 -8.13 -2.50 -16.84
CA THR B 25 -6.82 -2.82 -16.27
C THR B 25 -6.70 -2.31 -14.84
N GLN B 26 -6.16 -3.16 -13.94
CA GLN B 26 -5.95 -2.72 -12.56
C GLN B 26 -4.60 -2.02 -12.41
N VAL B 27 -4.63 -0.71 -12.14
CA VAL B 27 -3.37 0.04 -11.95
C VAL B 27 -2.90 0.06 -10.49
N GLY B 28 -3.78 -0.27 -9.55
CA GLY B 28 -3.40 -0.29 -8.15
C GLY B 28 -4.54 -0.60 -7.20
N VAL B 29 -4.33 -0.34 -5.92
CA VAL B 29 -5.24 -0.64 -4.80
C VAL B 29 -5.28 0.53 -3.80
N GLY B 30 -6.35 0.61 -3.03
CA GLY B 30 -6.46 1.64 -2.00
C GLY B 30 -7.28 1.25 -0.80
N VAL B 31 -7.25 2.10 0.24
CA VAL B 31 -7.96 1.91 1.50
C VAL B 31 -8.98 3.00 1.75
N MET B 32 -10.24 2.60 1.96
CA MET B 32 -11.28 3.54 2.32
C MET B 32 -11.41 3.45 3.88
N GLN B 33 -11.20 4.58 4.56
CA GLN B 33 -11.33 4.62 6.01
C GLN B 33 -11.82 5.99 6.39
N GLU B 34 -12.88 6.03 7.20
CA GLU B 34 -13.50 7.28 7.68
C GLU B 34 -13.92 8.22 6.55
N GLY B 35 -14.44 7.68 5.45
CA GLY B 35 -14.86 8.49 4.31
C GLY B 35 -13.74 9.06 3.44
N VAL B 36 -12.49 8.62 3.68
CA VAL B 36 -11.33 9.09 2.92
C VAL B 36 -10.69 7.89 2.21
N PHE B 37 -10.37 8.07 0.91
CA PHE B 37 -9.73 7.03 0.12
C PHE B 37 -8.21 7.31 0.08
N HIS B 38 -7.41 6.32 0.48
CA HIS B 38 -5.97 6.42 0.58
C HIS B 38 -5.29 5.53 -0.44
N THR B 39 -4.35 6.08 -1.23
CA THR B 39 -3.62 5.22 -2.16
C THR B 39 -2.17 5.77 -2.36
N MET B 40 -1.40 5.12 -3.25
CA MET B 40 -0.06 5.62 -3.55
C MET B 40 -0.13 6.57 -4.73
N TRP B 41 0.68 7.64 -4.69
N TRP B 41 0.67 7.65 -4.69
CA TRP B 41 0.70 8.66 -5.74
CA TRP B 41 0.67 8.65 -5.75
C TRP B 41 0.97 8.06 -7.12
C TRP B 41 0.96 8.06 -7.12
N HIS B 42 1.92 7.11 -7.24
CA HIS B 42 2.23 6.53 -8.57
C HIS B 42 1.04 5.73 -9.19
N VAL B 43 0.00 5.39 -8.41
CA VAL B 43 -1.15 4.67 -8.93
C VAL B 43 -2.07 5.60 -9.75
N THR B 44 -2.46 6.76 -9.17
CA THR B 44 -3.41 7.68 -9.83
C THR B 44 -2.76 8.91 -10.45
N LYS B 45 -1.53 9.24 -10.02
CA LYS B 45 -0.80 10.48 -10.37
C LYS B 45 -1.62 11.74 -9.94
N GLY B 46 -2.45 11.61 -8.91
CA GLY B 46 -3.28 12.69 -8.42
C GLY B 46 -4.56 12.94 -9.21
N ALA B 47 -4.91 12.07 -10.17
CA ALA B 47 -6.13 12.26 -10.96
C ALA B 47 -7.39 11.97 -10.15
N ALA B 48 -8.54 12.52 -10.55
CA ALA B 48 -9.81 12.25 -9.88
C ALA B 48 -10.22 10.78 -10.09
N LEU B 49 -11.07 10.26 -9.21
CA LEU B 49 -11.54 8.88 -9.28
C LEU B 49 -13.05 8.83 -9.33
N ARG B 50 -13.59 7.76 -9.86
CA ARG B 50 -15.01 7.53 -9.95
C ARG B 50 -15.36 6.35 -9.00
N SER B 51 -16.50 6.45 -8.31
CA SER B 51 -17.02 5.36 -7.47
C SER B 51 -18.50 5.28 -7.82
N GLY B 52 -18.84 4.47 -8.81
CA GLY B 52 -20.22 4.41 -9.32
C GLY B 52 -20.47 5.69 -10.08
N GLU B 53 -21.53 6.43 -9.74
CA GLU B 53 -21.77 7.73 -10.35
C GLU B 53 -21.16 8.92 -9.55
N GLY B 54 -20.53 8.64 -8.42
CA GLY B 54 -19.91 9.67 -7.59
C GLY B 54 -18.46 9.93 -7.95
N ARG B 55 -18.00 11.16 -7.69
CA ARG B 55 -16.62 11.53 -7.98
C ARG B 55 -15.82 11.67 -6.68
N LEU B 56 -14.55 11.24 -6.69
CA LEU B 56 -13.64 11.39 -5.57
C LEU B 56 -12.56 12.36 -6.03
N ASP B 57 -12.44 13.52 -5.38
CA ASP B 57 -11.42 14.50 -5.72
C ASP B 57 -10.21 14.39 -4.78
N PRO B 58 -8.98 14.56 -5.32
CA PRO B 58 -7.81 14.54 -4.44
C PRO B 58 -7.89 15.66 -3.39
N TYR B 59 -7.35 15.40 -2.21
CA TYR B 59 -7.39 16.36 -1.11
C TYR B 59 -5.97 16.69 -0.65
N TRP B 60 -5.12 15.69 -0.55
CA TRP B 60 -3.72 15.86 -0.16
C TRP B 60 -2.85 14.86 -0.93
N GLY B 61 -1.64 15.28 -1.27
CA GLY B 61 -0.71 14.38 -1.96
C GLY B 61 0.71 14.85 -1.84
N ASP B 62 1.66 13.93 -2.05
CA ASP B 62 3.09 14.25 -1.97
C ASP B 62 3.84 13.16 -2.74
N VAL B 63 4.53 13.57 -3.81
CA VAL B 63 5.31 12.69 -4.69
C VAL B 63 6.47 12.03 -3.94
N LYS B 64 7.10 12.74 -2.99
CA LYS B 64 8.25 12.13 -2.29
C LYS B 64 7.82 11.02 -1.33
N GLN B 65 6.70 11.23 -0.62
CA GLN B 65 6.14 10.19 0.24
C GLN B 65 5.46 9.08 -0.61
N ASP B 66 5.06 9.43 -1.86
CA ASP B 66 4.34 8.58 -2.82
C ASP B 66 3.00 8.23 -2.24
N LEU B 67 2.28 9.22 -1.67
CA LEU B 67 0.94 9.00 -1.09
C LEU B 67 -0.04 10.07 -1.54
N VAL B 68 -1.35 9.73 -1.53
CA VAL B 68 -2.43 10.66 -1.88
C VAL B 68 -3.70 10.22 -1.14
N SER B 69 -4.50 11.20 -0.70
CA SER B 69 -5.79 10.95 -0.05
C SER B 69 -6.87 11.68 -0.86
N TYR B 70 -8.08 11.15 -0.82
CA TYR B 70 -9.23 11.67 -1.56
C TYR B 70 -10.38 11.92 -0.59
N CYS B 71 -11.10 13.06 -0.75
CA CYS B 71 -12.29 13.42 0.04
C CYS B 71 -11.97 14.00 1.42
N GLY B 72 -10.73 13.88 1.88
CA GLY B 72 -10.36 14.37 3.20
C GLY B 72 -8.89 14.13 3.48
N PRO B 73 -8.43 14.57 4.66
CA PRO B 73 -7.02 14.39 4.99
C PRO B 73 -6.66 12.92 5.31
N TRP B 74 -5.36 12.57 5.22
CA TRP B 74 -4.84 11.23 5.53
C TRP B 74 -5.27 10.80 6.95
N LYS B 75 -5.96 9.63 7.08
CA LYS B 75 -6.49 9.17 8.37
C LYS B 75 -5.68 8.06 9.03
N LEU B 76 -4.81 7.38 8.27
CA LEU B 76 -4.09 6.21 8.77
C LEU B 76 -2.87 6.58 9.58
N ASP B 77 -2.83 6.23 10.88
CA ASP B 77 -1.69 6.62 11.71
C ASP B 77 -1.02 5.49 12.49
N ALA B 78 -1.48 4.25 12.32
CA ALA B 78 -0.87 3.12 13.02
C ALA B 78 0.54 2.89 12.46
N ALA B 79 1.45 2.43 13.34
CA ALA B 79 2.84 2.19 12.99
C ALA B 79 3.28 0.77 13.30
N TRP B 80 4.21 0.23 12.49
CA TRP B 80 4.83 -1.07 12.75
C TRP B 80 5.60 -0.95 14.07
N ASP B 81 5.44 -1.92 14.99
CA ASP B 81 6.12 -1.83 16.28
C ASP B 81 7.64 -2.14 16.22
N GLY B 82 8.11 -2.63 15.08
CA GLY B 82 9.53 -2.97 14.90
C GLY B 82 9.91 -4.36 15.37
N LEU B 83 8.94 -5.14 15.84
CA LEU B 83 9.19 -6.47 16.38
C LEU B 83 8.34 -7.56 15.73
N SER B 84 7.03 -7.31 15.62
CA SER B 84 6.04 -8.31 15.24
C SER B 84 5.84 -8.53 13.76
N GLU B 85 5.32 -9.71 13.41
CA GLU B 85 4.92 -10.06 12.05
C GLU B 85 3.70 -9.21 11.69
N VAL B 86 3.51 -9.01 10.40
CA VAL B 86 2.44 -8.20 9.85
C VAL B 86 1.79 -8.97 8.71
N GLN B 87 0.66 -8.47 8.18
CA GLN B 87 0.04 -9.08 7.04
C GLN B 87 -0.12 -8.11 5.91
N LEU B 88 0.29 -8.50 4.71
CA LEU B 88 0.04 -7.75 3.50
C LEU B 88 -1.32 -8.27 3.03
N LEU B 89 -2.31 -7.38 2.92
CA LEU B 89 -3.60 -7.79 2.38
C LEU B 89 -3.48 -7.50 0.89
N ALA B 90 -2.84 -8.47 0.19
CA ALA B 90 -2.58 -8.36 -1.24
C ALA B 90 -3.84 -8.47 -2.07
N VAL B 91 -4.05 -7.50 -2.97
CA VAL B 91 -5.18 -7.51 -3.90
C VAL B 91 -4.58 -7.50 -5.32
N PRO B 92 -4.14 -8.68 -5.83
CA PRO B 92 -3.52 -8.72 -7.17
C PRO B 92 -4.53 -8.56 -8.30
N PRO B 93 -4.09 -8.09 -9.47
CA PRO B 93 -5.03 -7.93 -10.60
C PRO B 93 -5.72 -9.23 -10.99
N GLY B 94 -7.05 -9.18 -11.12
CA GLY B 94 -7.89 -10.32 -11.48
C GLY B 94 -7.91 -11.46 -10.48
N GLU B 95 -7.38 -11.24 -9.28
CA GLU B 95 -7.30 -12.27 -8.25
C GLU B 95 -7.93 -11.81 -6.95
N ARG B 96 -8.41 -12.77 -6.15
CA ARG B 96 -9.05 -12.48 -4.88
C ARG B 96 -8.10 -11.88 -3.88
N ALA B 97 -8.63 -11.01 -2.96
CA ALA B 97 -7.86 -10.43 -1.85
C ALA B 97 -7.32 -11.59 -0.99
N LYS B 98 -6.02 -11.57 -0.66
CA LYS B 98 -5.39 -12.66 0.09
C LYS B 98 -4.43 -12.08 1.14
N ASN B 99 -4.51 -12.55 2.39
CA ASN B 99 -3.63 -12.10 3.47
C ASN B 99 -2.36 -12.91 3.49
N ILE B 100 -1.20 -12.25 3.45
CA ILE B 100 0.08 -12.93 3.50
C ILE B 100 0.85 -12.41 4.71
N GLN B 101 1.22 -13.30 5.63
CA GLN B 101 1.92 -12.92 6.84
C GLN B 101 3.41 -12.97 6.63
N THR B 102 4.14 -11.97 7.15
CA THR B 102 5.58 -11.87 7.00
C THR B 102 6.21 -11.07 8.12
N LEU B 103 7.53 -11.25 8.34
CA LEU B 103 8.24 -10.43 9.31
C LEU B 103 8.96 -9.38 8.48
N PRO B 104 8.67 -8.08 8.72
CA PRO B 104 9.32 -7.06 7.91
C PRO B 104 10.80 -6.97 8.20
N GLY B 105 11.54 -6.63 7.15
CA GLY B 105 12.92 -6.22 7.24
C GLY B 105 12.95 -4.72 7.48
N ILE B 106 14.08 -4.07 7.20
CA ILE B 106 14.26 -2.64 7.45
C ILE B 106 15.03 -1.94 6.33
N PHE B 107 14.56 -0.77 5.94
CA PHE B 107 15.24 0.14 5.03
C PHE B 107 15.95 1.12 5.95
N LYS B 108 17.29 1.21 5.89
CA LYS B 108 18.03 2.17 6.69
C LYS B 108 18.32 3.37 5.81
N THR B 109 17.87 4.57 6.20
CA THR B 109 18.10 5.78 5.40
C THR B 109 18.82 6.87 6.26
N LYS B 110 19.27 7.96 5.63
N LYS B 110 19.27 7.96 5.63
N LYS B 110 19.27 7.96 5.63
N LYS B 110 19.27 7.96 5.63
CA LYS B 110 19.92 9.04 6.37
CA LYS B 110 19.92 9.04 6.37
CA LYS B 110 19.92 9.07 6.35
CA LYS B 110 19.92 9.07 6.35
C LYS B 110 18.95 9.78 7.33
C LYS B 110 18.95 9.78 7.33
C LYS B 110 18.95 9.79 7.31
C LYS B 110 18.95 9.79 7.31
N ASP B 111 17.63 9.62 7.12
CA ASP B 111 16.64 10.25 7.96
C ASP B 111 15.89 9.25 8.86
N GLY B 112 16.42 8.05 9.05
CA GLY B 112 15.78 7.06 9.90
C GLY B 112 15.41 5.74 9.24
N ASP B 113 15.08 4.75 10.07
CA ASP B 113 14.70 3.42 9.61
C ASP B 113 13.21 3.31 9.31
N ILE B 114 12.87 2.48 8.31
CA ILE B 114 11.51 2.23 7.88
C ILE B 114 11.35 0.71 7.72
N GLY B 115 10.20 0.14 8.07
CA GLY B 115 9.95 -1.28 7.87
C GLY B 115 9.85 -1.56 6.37
N ALA B 116 10.15 -2.80 5.97
CA ALA B 116 10.09 -3.19 4.57
C ALA B 116 9.56 -4.60 4.42
N VAL B 117 8.74 -4.85 3.39
CA VAL B 117 8.16 -6.16 3.16
C VAL B 117 8.72 -6.82 1.87
N ALA B 118 9.32 -8.03 2.00
CA ALA B 118 9.92 -8.70 0.86
C ALA B 118 8.95 -9.71 0.27
N LEU B 119 7.91 -9.19 -0.38
CA LEU B 119 6.92 -10.04 -1.02
C LEU B 119 6.78 -9.52 -2.46
N ASP B 120 6.75 -10.44 -3.44
CA ASP B 120 6.69 -10.03 -4.83
C ASP B 120 5.31 -10.19 -5.45
N TYR B 121 4.78 -9.08 -5.97
CA TYR B 121 3.47 -9.07 -6.59
C TYR B 121 3.46 -8.23 -7.86
N PRO B 122 2.49 -8.41 -8.79
CA PRO B 122 2.44 -7.53 -9.96
C PRO B 122 2.35 -6.03 -9.57
N ALA B 123 2.85 -5.14 -10.42
CA ALA B 123 2.85 -3.70 -10.13
C ALA B 123 1.45 -3.15 -9.79
N GLY B 124 0.42 -3.74 -10.41
CA GLY B 124 -0.97 -3.37 -10.16
C GLY B 124 -1.48 -3.66 -8.77
N THR B 125 -0.65 -4.29 -7.92
CA THR B 125 -0.95 -4.56 -6.49
C THR B 125 -0.56 -3.34 -5.57
N SER B 126 0.17 -2.34 -6.11
CA SER B 126 0.59 -1.13 -5.35
C SER B 126 -0.62 -0.46 -4.68
N GLY B 127 -0.53 -0.16 -3.40
CA GLY B 127 -1.60 0.44 -2.61
C GLY B 127 -2.27 -0.54 -1.66
N SER B 128 -1.94 -1.86 -1.77
CA SER B 128 -2.48 -2.85 -0.87
C SER B 128 -2.01 -2.55 0.56
N PRO B 129 -2.89 -2.60 1.55
CA PRO B 129 -2.50 -2.27 2.92
C PRO B 129 -1.73 -3.37 3.64
N ILE B 130 -0.87 -2.92 4.54
CA ILE B 130 -0.12 -3.77 5.45
C ILE B 130 -0.77 -3.56 6.83
N LEU B 131 -1.11 -4.64 7.54
CA LEU B 131 -1.83 -4.60 8.81
C LEU B 131 -1.09 -5.11 10.02
N ASP B 132 -1.41 -4.57 11.20
CA ASP B 132 -0.91 -5.13 12.44
C ASP B 132 -1.92 -6.20 12.94
N LYS B 133 -1.64 -6.85 14.08
CA LYS B 133 -2.49 -7.91 14.63
C LYS B 133 -3.89 -7.46 15.03
N CYS B 134 -4.11 -6.14 15.18
CA CYS B 134 -5.45 -5.62 15.45
C CYS B 134 -6.20 -5.21 14.20
N GLY B 135 -5.64 -5.48 13.02
CA GLY B 135 -6.28 -5.10 11.76
C GLY B 135 -6.07 -3.64 11.39
N ARG B 136 -5.25 -2.89 12.15
CA ARG B 136 -5.00 -1.48 11.83
C ARG B 136 -4.02 -1.36 10.68
N VAL B 137 -4.29 -0.44 9.74
CA VAL B 137 -3.41 -0.24 8.59
C VAL B 137 -2.17 0.55 9.01
N ILE B 138 -1.02 -0.12 9.00
CA ILE B 138 0.26 0.50 9.36
C ILE B 138 1.05 1.09 8.16
N GLY B 139 0.52 0.93 6.95
CA GLY B 139 1.15 1.47 5.76
C GLY B 139 0.64 0.80 4.49
N LEU B 140 1.10 1.28 3.33
CA LEU B 140 0.72 0.72 2.04
C LEU B 140 1.95 0.13 1.33
N TYR B 141 1.71 -0.94 0.56
CA TYR B 141 2.68 -1.72 -0.19
C TYR B 141 2.80 -1.16 -1.59
N GLY B 142 4.01 -1.10 -2.16
CA GLY B 142 4.16 -0.67 -3.55
C GLY B 142 5.26 0.30 -3.91
N ASN B 143 6.00 0.85 -2.92
CA ASN B 143 7.13 1.72 -3.24
C ASN B 143 8.37 1.19 -2.56
N GLY B 144 9.32 0.74 -3.36
CA GLY B 144 10.53 0.16 -2.81
C GLY B 144 11.65 0.01 -3.82
N VAL B 145 12.35 -1.13 -3.72
CA VAL B 145 13.53 -1.33 -4.54
C VAL B 145 13.65 -2.76 -5.09
N VAL B 146 14.42 -2.91 -6.16
CA VAL B 146 14.71 -4.20 -6.77
C VAL B 146 16.05 -4.64 -6.20
N ILE B 147 16.10 -5.84 -5.61
CA ILE B 147 17.34 -6.31 -4.98
C ILE B 147 18.25 -7.09 -5.99
N LYS B 148 19.45 -7.51 -5.54
N LYS B 148 19.45 -7.53 -5.53
N LYS B 148 19.41 -7.62 -5.55
N LYS B 148 19.39 -7.64 -5.54
CA LYS B 148 20.51 -8.20 -6.27
CA LYS B 148 20.49 -8.23 -6.29
CA LYS B 148 20.30 -8.37 -6.43
CA LYS B 148 20.29 -8.41 -6.41
C LYS B 148 20.02 -9.25 -7.26
C LYS B 148 19.97 -9.39 -7.13
C LYS B 148 19.62 -9.58 -7.07
C LYS B 148 19.60 -9.62 -7.06
N ASN B 149 18.64 -10.17 -6.38
N ASN B 149 18.62 -10.20 -6.35
CA ASN B 149 17.90 -11.34 -6.82
CA ASN B 149 17.87 -11.37 -6.82
C ASN B 149 16.89 -11.05 -7.95
C ASN B 149 16.85 -11.06 -7.94
N GLY B 150 16.48 -9.79 -8.08
CA GLY B 150 15.51 -9.38 -9.09
C GLY B 150 14.12 -9.17 -8.50
N SER B 151 13.90 -9.68 -7.27
CA SER B 151 12.65 -9.55 -6.53
C SER B 151 12.50 -8.13 -5.97
N TYR B 152 11.27 -7.74 -5.63
CA TYR B 152 10.97 -6.41 -5.10
C TYR B 152 10.87 -6.44 -3.57
N VAL B 153 11.40 -5.41 -2.91
CA VAL B 153 11.26 -5.22 -1.48
C VAL B 153 10.60 -3.84 -1.31
N SER B 154 9.38 -3.83 -0.80
CA SER B 154 8.61 -2.59 -0.65
C SER B 154 8.79 -1.98 0.74
N ALA B 155 8.79 -0.65 0.85
CA ALA B 155 8.80 0.01 2.16
C ALA B 155 7.37 -0.19 2.76
N ILE B 156 7.24 -0.03 4.08
CA ILE B 156 5.92 0.04 4.71
C ILE B 156 5.67 1.58 4.71
N THR B 157 5.06 2.11 3.64
CA THR B 157 4.87 3.58 3.53
C THR B 157 3.62 4.07 4.27
N GLN B 158 3.81 4.88 5.32
CA GLN B 158 2.70 5.43 6.11
C GLN B 158 2.70 6.98 6.01
N GLY B 159 1.50 7.58 6.01
CA GLY B 159 1.37 9.03 6.00
C GLY B 159 1.31 9.58 7.41
N LYS B 160 0.96 10.85 7.56
CA LYS B 160 0.85 11.47 8.87
C LYS B 160 -0.59 11.94 9.06
N ARG B 161 -1.21 11.63 10.20
CA ARG B 161 -2.56 12.09 10.46
C ARG B 161 -2.45 13.46 11.14
N GLU B 162 -2.66 14.52 10.35
CA GLU B 162 -2.57 15.92 10.79
C GLU B 162 -3.57 16.25 11.89
S DMS C . -2.59 14.40 -14.15
S DMS C . -2.59 14.40 -14.15
O DMS C . -1.80 14.75 -12.96
O DMS C . -1.80 14.75 -12.96
C1 DMS C . -4.26 14.46 -13.59
C1 DMS C . -4.26 14.46 -13.59
C2 DMS C . -2.42 12.64 -14.28
C2 DMS C . -2.42 12.64 -14.28
N1 A1BGX D . 9.61 -2.61 -10.85
N3 A1BGX D . 7.00 3.74 -8.00
C4 A1BGX D . 8.71 -2.62 -9.86
C5 A1BGX D . 7.53 -3.34 -9.86
C6 A1BGX D . 6.58 -3.35 -8.71
C7 A1BGX D . 6.35 -4.54 -8.03
C8 A1BGX D . 5.53 -4.60 -6.92
C10 A1BGX D . 5.13 -2.26 -7.10
C13 A1BGX D . 6.52 1.55 -8.27
C15 A1BGX D . 6.60 4.58 -10.27
C17 A1BGX D . 7.29 -4.14 -10.98
C1 A1BGX D . 6.87 -4.61 -13.92
O1 A1BGX D . 8.03 -4.88 -13.14
C2 A1BGX D . 8.20 -4.12 -12.03
C3 A1BGX D . 9.35 -3.38 -11.91
C9 A1BGX D . 4.89 -3.47 -6.47
C11 A1BGX D . 5.93 -2.19 -8.24
C12 A1BGX D . 6.08 -0.83 -8.85
O2 A1BGX D . 6.02 -0.66 -10.06
N2 A1BGX D . 6.33 0.18 -7.97
C14 A1BGX D . 6.93 2.55 -7.39
N4 A1BGX D . 6.63 3.49 -9.30
C16 A1BGX D . 6.32 2.18 -9.50
S SO4 E . -3.71 14.90 -13.07
S SO4 E . -3.71 14.90 -13.07
O1 SO4 E . -3.62 13.47 -13.38
O1 SO4 E . -3.62 13.47 -13.38
O2 SO4 E . -4.85 15.49 -13.78
O2 SO4 E . -4.85 15.49 -13.78
O3 SO4 E . -3.89 15.09 -11.63
O3 SO4 E . -3.89 15.09 -11.63
O4 SO4 E . -2.47 15.56 -13.49
O4 SO4 E . -2.47 15.56 -13.49
#